data_1B4Y
#
_entry.id   1B4Y
#
_cell.length_a   1.000
_cell.length_b   1.000
_cell.length_c   1.000
_cell.angle_alpha   90.00
_cell.angle_beta   90.00
_cell.angle_gamma   90.00
#
_symmetry.space_group_name_H-M   'P 1'
#
_entity_poly.entity_id   1
_entity_poly.type   'polydeoxyribonucleotide'
_entity_poly.pdbx_seq_one_letter_code
;(DT)(DC)(DT)(DT)(DC)(DC)(DT)(DT)(DT)(DT)(DC)(DC)(DT)(DT)(DC)(DT)(DC)(DC)(DC)(DG)
(DA)(DG)(DA)(DA)(DG)(DG)(DT)(DT)(DT)(DT)
;
_entity_poly.pdbx_strand_id   A
#